data_5TSK
#
_entry.id   5TSK
#
_cell.length_a   1
_cell.length_b   1
_cell.length_c   1
_cell.angle_alpha   90.00
_cell.angle_beta   90.00
_cell.angle_gamma   90.00
#
_symmetry.space_group_name_H-M   'P 1'
#
_entity_poly.entity_id   1
_entity_poly.type   'polypeptide(L)'
_entity_poly.pdbx_seq_one_letter_code
;GDPIADMIDQTVNNQVNRSLTALQVLPTAANTEASSHRLGTGVVPALQAAETGASSNASDKNLIETRCVLNHHSTQETAI
GNFFSRAGLVSIITMPTTGTQNTDGYVNWDIDLMGYAQLRRKCELFTYMRFDAEFTFVVAKPNGELVPQLLQYMYVPPGA
PKPTSRDSFAWQTATNPSVFVKMTDPPAQVSVPFMSPASAYQWFYDGYPTFGEHLQANDLDYGQCPNNMMGTFSIRTVGI
EKSPHSITLRVYMRIKHVRAWIPRPLRNQPYLFKTNPNYKGNDIKCTSTSRDKITTL
;
_entity_poly.pdbx_strand_id   A
#
# COMPACT_ATOMS: atom_id res chain seq x y z
N SER A 74 -29.50 -4.14 -9.90
CA SER A 74 -29.52 -3.68 -8.52
C SER A 74 -28.57 -2.53 -8.30
N THR A 75 -29.04 -1.56 -7.52
CA THR A 75 -28.24 -0.40 -7.23
C THR A 75 -27.14 -0.70 -6.22
N GLN A 76 -27.25 -1.85 -5.55
CA GLN A 76 -26.24 -2.25 -4.57
C GLN A 76 -24.86 -2.33 -5.21
N GLU A 77 -24.82 -2.74 -6.47
CA GLU A 77 -23.58 -2.89 -7.19
C GLU A 77 -22.82 -1.59 -7.39
N THR A 78 -23.54 -0.46 -7.38
CA THR A 78 -22.92 0.84 -7.58
C THR A 78 -22.63 1.60 -6.29
N ALA A 79 -22.87 0.94 -5.15
CA ALA A 79 -22.65 1.52 -3.84
C ALA A 79 -21.15 1.63 -3.53
N ILE A 80 -20.76 2.72 -2.88
CA ILE A 80 -19.34 2.96 -2.55
C ILE A 80 -18.69 1.71 -2.00
N GLY A 81 -19.38 1.01 -1.11
CA GLY A 81 -18.80 -0.19 -0.52
C GLY A 81 -18.42 -1.27 -1.51
N ASN A 82 -19.36 -1.64 -2.38
CA ASN A 82 -19.12 -2.69 -3.37
C ASN A 82 -18.06 -2.31 -4.38
N PHE A 83 -17.95 -1.00 -4.64
CA PHE A 83 -17.00 -0.46 -5.58
C PHE A 83 -15.56 -0.58 -5.07
N PHE A 84 -15.39 -0.49 -3.75
CA PHE A 84 -14.08 -0.56 -3.10
C PHE A 84 -13.82 -1.87 -2.32
N SER A 85 -14.65 -2.87 -2.53
CA SER A 85 -14.47 -4.15 -1.84
C SER A 85 -13.47 -5.01 -2.58
N ARG A 86 -13.35 -6.26 -2.17
CA ARG A 86 -12.42 -7.20 -2.80
C ARG A 86 -10.97 -6.92 -2.43
N ALA A 87 -10.24 -7.99 -2.12
CA ALA A 87 -8.84 -7.90 -1.75
C ALA A 87 -8.04 -7.88 -3.05
N GLY A 88 -7.20 -6.86 -3.16
CA GLY A 88 -6.36 -6.73 -4.34
C GLY A 88 -4.92 -6.78 -3.90
N LEU A 89 -4.02 -7.06 -4.84
CA LEU A 89 -2.60 -7.12 -4.51
C LEU A 89 -2.05 -5.70 -4.39
N VAL A 90 -1.49 -5.35 -3.23
CA VAL A 90 -0.95 -4.00 -3.05
C VAL A 90 0.56 -3.96 -3.01
N SER A 91 1.20 -5.13 -2.96
CA SER A 91 2.65 -5.16 -2.91
C SER A 91 3.23 -6.56 -3.06
N ILE A 92 4.43 -6.63 -3.63
CA ILE A 92 5.12 -7.90 -3.80
C ILE A 92 6.55 -7.78 -3.30
N ILE A 93 6.80 -8.24 -2.09
CA ILE A 93 8.12 -8.19 -1.49
C ILE A 93 8.87 -9.47 -1.84
N THR A 94 10.16 -9.35 -2.15
CA THR A 94 10.95 -10.53 -2.45
C THR A 94 12.22 -10.50 -1.60
N MET A 95 12.48 -11.59 -0.89
CA MET A 95 13.65 -11.69 -0.02
C MET A 95 14.53 -12.86 -0.41
N PRO A 96 15.36 -12.70 -1.46
CA PRO A 96 16.24 -13.79 -1.89
C PRO A 96 17.34 -14.06 -0.87
N THR A 97 17.92 -15.25 -0.92
CA THR A 97 18.99 -15.63 0.01
C THR A 97 20.14 -14.64 -0.08
N THR A 98 20.55 -14.32 -1.31
CA THR A 98 21.63 -13.36 -1.56
C THR A 98 21.54 -12.84 -2.99
N GLY A 99 21.56 -11.53 -3.12
CA GLY A 99 21.48 -10.89 -4.43
C GLY A 99 21.83 -9.42 -4.36
N THR A 100 20.81 -8.56 -4.26
CA THR A 100 21.02 -7.11 -4.21
C THR A 100 20.71 -6.48 -2.85
N GLN A 101 19.49 -6.71 -2.35
CA GLN A 101 19.03 -6.13 -1.09
C GLN A 101 18.61 -7.17 -0.05
N ASN A 102 19.41 -8.24 0.12
CA ASN A 102 19.04 -9.26 1.08
C ASN A 102 20.10 -9.91 1.95
N THR A 103 21.29 -9.31 2.00
CA THR A 103 22.31 -9.83 2.89
C THR A 103 21.78 -9.34 4.25
N ASP A 104 20.66 -8.62 4.18
CA ASP A 104 19.97 -8.06 5.35
C ASP A 104 19.23 -9.17 6.06
N GLY A 105 18.15 -9.65 5.43
CA GLY A 105 17.34 -10.71 5.99
C GLY A 105 15.96 -10.25 6.39
N TYR A 106 15.67 -8.97 6.13
CA TYR A 106 14.39 -8.36 6.46
C TYR A 106 13.95 -7.31 5.44
N VAL A 107 12.69 -6.89 5.54
CA VAL A 107 12.12 -5.87 4.65
C VAL A 107 11.16 -4.95 5.38
N ASN A 108 11.15 -3.67 4.99
CA ASN A 108 10.27 -2.69 5.60
C ASN A 108 9.37 -2.10 4.52
N TRP A 109 8.11 -2.50 4.53
CA TRP A 109 7.18 -2.00 3.53
C TRP A 109 6.23 -1.03 4.22
N ASP A 110 6.32 0.25 3.88
CA ASP A 110 5.40 1.23 4.47
C ASP A 110 4.11 0.99 3.73
N ILE A 111 3.00 0.92 4.47
CA ILE A 111 1.69 0.70 3.86
C ILE A 111 1.39 1.82 2.89
N ASP A 112 1.29 1.48 1.61
CA ASP A 112 1.03 2.45 0.54
C ASP A 112 -0.07 2.02 -0.42
N LEU A 113 -1.09 2.87 -0.56
CA LEU A 113 -2.19 2.57 -1.46
C LEU A 113 -1.96 3.10 -2.88
N MET A 114 -1.37 4.28 -2.98
CA MET A 114 -1.08 4.90 -4.27
C MET A 114 -0.03 4.07 -5.02
N GLY A 115 0.11 2.80 -4.62
CA GLY A 115 1.05 1.91 -5.27
C GLY A 115 0.58 1.56 -6.68
N TYR A 116 -0.56 0.89 -6.79
CA TYR A 116 -1.12 0.49 -8.08
C TYR A 116 -2.11 1.49 -8.68
N ALA A 117 -1.72 2.10 -9.79
CA ALA A 117 -2.53 3.11 -10.47
C ALA A 117 -3.98 2.71 -10.64
N GLN A 118 -4.24 1.41 -10.66
CA GLN A 118 -5.60 0.92 -10.83
C GLN A 118 -6.48 1.39 -9.67
N LEU A 119 -6.05 1.06 -8.45
CA LEU A 119 -6.75 1.42 -7.21
C LEU A 119 -6.61 2.89 -6.90
N ARG A 120 -5.48 3.47 -7.26
CA ARG A 120 -5.27 4.88 -7.01
C ARG A 120 -6.27 5.74 -7.73
N ARG A 121 -6.49 5.48 -9.01
CA ARG A 121 -7.43 6.25 -9.80
C ARG A 121 -8.80 6.18 -9.16
N LYS A 122 -9.18 4.99 -8.69
CA LYS A 122 -10.47 4.75 -8.03
C LYS A 122 -10.63 5.63 -6.78
N CYS A 123 -9.57 5.76 -5.99
CA CYS A 123 -9.64 6.58 -4.80
C CYS A 123 -9.70 8.07 -5.10
N GLU A 124 -8.90 8.54 -6.06
CA GLU A 124 -8.87 9.97 -6.42
C GLU A 124 -10.12 10.47 -7.13
N LEU A 125 -11.21 9.74 -6.93
CA LEU A 125 -12.51 10.08 -7.49
C LEU A 125 -13.16 10.85 -6.37
N PHE A 126 -12.55 10.75 -5.19
CA PHE A 126 -13.03 11.40 -3.98
C PHE A 126 -11.93 12.20 -3.32
N THR A 127 -12.30 13.19 -2.52
CA THR A 127 -11.31 14.01 -1.85
C THR A 127 -10.97 13.43 -0.50
N TYR A 128 -11.97 13.00 0.23
CA TYR A 128 -11.72 12.41 1.54
C TYR A 128 -12.29 11.01 1.60
N MET A 129 -11.62 10.13 2.34
CA MET A 129 -12.07 8.75 2.52
C MET A 129 -11.69 8.25 3.89
N ARG A 130 -12.53 7.38 4.42
CA ARG A 130 -12.30 6.80 5.74
C ARG A 130 -12.59 5.31 5.62
N PHE A 131 -11.73 4.49 6.21
CA PHE A 131 -11.91 3.04 6.15
C PHE A 131 -10.91 2.20 6.95
N ASP A 132 -11.28 0.93 7.13
CA ASP A 132 -10.46 -0.05 7.83
C ASP A 132 -9.81 -0.88 6.72
N ALA A 133 -8.70 -1.54 7.02
CA ALA A 133 -8.02 -2.34 6.01
C ALA A 133 -7.69 -3.73 6.51
N GLU A 134 -8.00 -4.73 5.69
CA GLU A 134 -7.73 -6.12 6.02
C GLU A 134 -6.54 -6.57 5.16
N PHE A 135 -5.50 -7.06 5.81
CA PHE A 135 -4.31 -7.51 5.09
C PHE A 135 -4.15 -9.03 5.18
N THR A 136 -3.87 -9.65 4.04
CA THR A 136 -3.67 -11.09 3.99
C THR A 136 -2.27 -11.31 3.43
N PHE A 137 -1.50 -12.20 4.07
CA PHE A 137 -0.12 -12.45 3.65
C PHE A 137 0.11 -13.81 2.98
N VAL A 138 0.14 -13.80 1.66
CA VAL A 138 0.34 -15.00 0.85
C VAL A 138 1.83 -15.16 0.54
N VAL A 139 2.51 -16.08 1.21
CA VAL A 139 3.93 -16.27 0.96
C VAL A 139 4.24 -17.69 0.54
N ALA A 140 5.38 -17.83 -0.11
CA ALA A 140 5.89 -19.11 -0.60
C ALA A 140 7.24 -18.84 -1.24
N LYS A 141 7.97 -19.88 -1.62
CA LYS A 141 9.25 -19.65 -2.28
C LYS A 141 8.93 -19.08 -3.66
N PRO A 142 9.95 -18.54 -4.35
CA PRO A 142 9.74 -17.95 -5.67
C PRO A 142 9.13 -18.84 -6.74
N ASN A 143 9.20 -20.15 -6.57
CA ASN A 143 8.63 -21.05 -7.57
C ASN A 143 7.27 -21.60 -7.14
N GLY A 144 6.81 -21.20 -5.96
CA GLY A 144 5.52 -21.64 -5.46
C GLY A 144 5.57 -22.72 -4.41
N GLU A 145 6.76 -23.25 -4.15
CA GLU A 145 6.91 -24.30 -3.14
C GLU A 145 6.90 -23.71 -1.75
N LEU A 146 6.44 -24.52 -0.81
CA LEU A 146 6.35 -24.11 0.57
C LEU A 146 7.27 -24.98 1.41
N VAL A 147 7.88 -24.38 2.42
CA VAL A 147 8.79 -25.10 3.30
C VAL A 147 8.48 -24.69 4.74
N PRO A 148 8.87 -25.53 5.70
CA PRO A 148 8.64 -25.29 7.13
C PRO A 148 9.44 -24.14 7.73
N GLN A 149 9.25 -22.95 7.16
CA GLN A 149 9.95 -21.75 7.61
C GLN A 149 9.07 -20.86 8.50
N LEU A 150 9.58 -20.52 9.67
CA LEU A 150 8.85 -19.65 10.59
C LEU A 150 9.10 -18.18 10.24
N LEU A 151 8.04 -17.43 9.97
CA LEU A 151 8.19 -16.02 9.62
C LEU A 151 7.55 -15.14 10.67
N GLN A 152 7.92 -13.87 10.66
CA GLN A 152 7.37 -12.88 11.57
C GLN A 152 7.02 -11.62 10.79
N TYR A 153 5.78 -11.15 10.96
CA TYR A 153 5.34 -9.93 10.32
C TYR A 153 5.07 -8.98 11.49
N MET A 154 5.73 -7.83 11.50
CA MET A 154 5.55 -6.84 12.57
C MET A 154 4.97 -5.53 12.04
N TYR A 155 3.94 -5.03 12.72
CA TYR A 155 3.30 -3.80 12.32
C TYR A 155 3.87 -2.69 13.17
N VAL A 156 4.55 -1.75 12.51
CA VAL A 156 5.14 -0.61 13.20
C VAL A 156 4.24 0.60 12.94
N PRO A 157 3.39 0.93 13.93
CA PRO A 157 2.46 2.06 13.85
C PRO A 157 3.14 3.33 13.43
N PRO A 158 2.36 4.39 13.25
CA PRO A 158 2.99 5.64 12.85
C PRO A 158 3.67 6.22 14.10
N GLY A 159 4.76 6.96 13.91
CA GLY A 159 5.44 7.55 15.04
C GLY A 159 6.30 6.56 15.81
N ALA A 160 6.35 5.33 15.33
CA ALA A 160 7.15 4.32 15.98
C ALA A 160 8.40 4.09 15.14
N PRO A 161 9.47 3.61 15.78
CA PRO A 161 10.77 3.34 15.16
C PRO A 161 10.76 2.01 14.38
N LYS A 162 11.24 2.07 13.15
CA LYS A 162 11.29 0.89 12.28
C LYS A 162 12.62 0.14 12.42
N PRO A 163 12.60 -1.19 12.23
CA PRO A 163 13.83 -2.00 12.35
C PRO A 163 14.87 -1.48 11.35
N THR A 164 16.13 -1.46 11.76
CA THR A 164 17.20 -0.97 10.89
C THR A 164 18.20 -2.07 10.57
N SER A 165 17.97 -3.25 11.13
CA SER A 165 18.84 -4.39 10.91
C SER A 165 17.98 -5.62 11.11
N ARG A 166 18.51 -6.77 10.68
CA ARG A 166 17.76 -8.01 10.82
C ARG A 166 17.50 -8.34 12.30
N ASP A 167 18.19 -7.64 13.21
CA ASP A 167 18.03 -7.89 14.64
C ASP A 167 17.95 -6.65 15.54
N SER A 168 17.34 -5.57 15.06
CA SER A 168 17.20 -4.34 15.84
C SER A 168 16.38 -4.63 17.11
N PHE A 169 16.33 -3.70 18.05
CA PHE A 169 15.54 -3.92 19.27
C PHE A 169 14.07 -3.86 18.84
N ALA A 170 13.80 -3.10 17.78
CA ALA A 170 12.46 -2.91 17.25
C ALA A 170 11.63 -4.18 17.18
N TRP A 171 12.28 -5.29 16.84
CA TRP A 171 11.60 -6.58 16.71
C TRP A 171 11.14 -7.14 18.05
N GLN A 172 11.63 -6.60 19.15
CA GLN A 172 11.26 -7.08 20.48
C GLN A 172 10.30 -6.16 21.20
N THR A 173 10.11 -4.95 20.65
CA THR A 173 9.23 -3.95 21.25
C THR A 173 7.77 -4.39 21.33
N ALA A 174 7.29 -4.64 22.55
CA ALA A 174 5.93 -5.10 22.80
C ALA A 174 4.83 -4.33 22.09
N THR A 175 5.02 -3.01 21.97
CA THR A 175 4.05 -2.11 21.33
C THR A 175 3.93 -2.24 19.82
N ASN A 176 4.86 -2.94 19.18
CA ASN A 176 4.77 -3.15 17.73
C ASN A 176 4.16 -4.54 17.64
N PRO A 177 2.83 -4.61 17.45
CA PRO A 177 2.20 -5.92 17.35
C PRO A 177 2.87 -6.74 16.27
N SER A 178 3.10 -8.02 16.55
CA SER A 178 3.74 -8.91 15.59
C SER A 178 2.90 -10.18 15.49
N VAL A 179 2.90 -10.79 14.32
CA VAL A 179 2.18 -12.05 14.12
C VAL A 179 3.19 -13.07 13.61
N PHE A 180 3.27 -14.21 14.28
CA PHE A 180 4.18 -15.27 13.90
C PHE A 180 3.40 -16.37 13.21
N VAL A 181 3.89 -16.79 12.05
CA VAL A 181 3.21 -17.85 11.33
C VAL A 181 4.21 -18.65 10.49
N LYS A 182 3.89 -19.91 10.24
CA LYS A 182 4.74 -20.80 9.47
C LYS A 182 4.30 -20.65 8.01
N MET A 183 5.25 -20.73 7.08
CA MET A 183 4.93 -20.61 5.66
C MET A 183 4.01 -21.75 5.21
N THR A 184 3.92 -22.79 6.05
CA THR A 184 3.06 -23.94 5.78
C THR A 184 1.62 -23.63 6.20
N ASP A 185 1.48 -22.92 7.32
CA ASP A 185 0.17 -22.51 7.83
C ASP A 185 -0.55 -21.70 6.73
N PRO A 186 -1.90 -21.66 6.75
CA PRO A 186 -2.59 -20.87 5.73
C PRO A 186 -2.28 -19.39 5.95
N PRO A 187 -2.33 -18.59 4.88
CA PRO A 187 -2.04 -17.14 4.96
C PRO A 187 -2.51 -16.42 6.19
N ALA A 188 -1.63 -15.60 6.75
CA ALA A 188 -1.98 -14.83 7.94
C ALA A 188 -2.89 -13.68 7.49
N GLN A 189 -3.80 -13.27 8.37
CA GLN A 189 -4.74 -12.21 8.05
C GLN A 189 -4.91 -11.32 9.28
N VAL A 190 -4.89 -10.01 9.05
CA VAL A 190 -4.99 -9.06 10.13
C VAL A 190 -5.71 -7.80 9.65
N SER A 191 -6.42 -7.14 10.57
CA SER A 191 -7.14 -5.90 10.24
C SER A 191 -6.49 -4.67 10.90
N VAL A 192 -6.28 -3.62 10.11
CA VAL A 192 -5.69 -2.37 10.59
C VAL A 192 -6.77 -1.31 10.56
N PRO A 193 -7.00 -0.62 11.69
CA PRO A 193 -8.03 0.42 11.75
C PRO A 193 -7.76 1.74 11.04
N PHE A 194 -8.54 2.75 11.42
CA PHE A 194 -8.39 4.07 10.85
C PHE A 194 -7.37 4.85 11.70
N MET A 195 -6.13 4.83 11.24
CA MET A 195 -5.02 5.43 11.93
C MET A 195 -4.90 6.96 11.99
N SER A 196 -5.37 7.64 10.94
CA SER A 196 -5.23 9.09 10.95
C SER A 196 -5.72 9.76 12.21
N PRO A 197 -5.06 10.87 12.59
CA PRO A 197 -5.36 11.68 13.77
C PRO A 197 -6.47 12.66 13.38
N ALA A 198 -6.78 12.69 12.08
CA ALA A 198 -7.84 13.53 11.53
C ALA A 198 -9.07 12.65 11.29
N SER A 199 -10.22 13.24 10.98
CA SER A 199 -11.44 12.48 10.79
C SER A 199 -11.48 11.61 9.55
N ALA A 200 -10.56 11.84 8.61
CA ALA A 200 -10.50 11.05 7.38
C ALA A 200 -9.18 11.17 6.66
N TYR A 201 -8.88 10.17 5.83
CA TYR A 201 -7.65 10.21 5.05
C TYR A 201 -8.03 11.18 3.93
N GLN A 202 -7.05 11.91 3.38
CA GLN A 202 -7.34 12.82 2.27
C GLN A 202 -6.26 12.68 1.22
N TRP A 203 -6.68 12.40 -0.01
CA TRP A 203 -5.75 12.20 -1.12
C TRP A 203 -5.29 13.51 -1.72
N PHE A 204 -5.82 14.62 -1.20
CA PHE A 204 -5.46 15.95 -1.67
C PHE A 204 -5.38 16.98 -0.55
N TYR A 205 -4.23 17.65 -0.43
CA TYR A 205 -4.01 18.68 0.58
C TYR A 205 -3.43 19.89 -0.18
N ASP A 206 -4.24 20.93 -0.35
CA ASP A 206 -3.84 22.14 -1.08
C ASP A 206 -2.98 23.08 -0.26
N GLY A 207 -2.28 22.52 0.71
CA GLY A 207 -1.43 23.34 1.54
C GLY A 207 -0.06 22.72 1.76
N TYR A 208 0.58 23.15 2.83
CA TYR A 208 1.90 22.67 3.21
C TYR A 208 1.85 22.31 4.70
N PRO A 209 2.51 21.20 5.11
CA PRO A 209 2.46 20.70 6.47
C PRO A 209 3.46 21.40 7.38
N THR A 210 4.06 22.51 6.86
CA THR A 210 5.21 23.16 7.42
C THR A 210 4.99 24.66 7.23
N GLN A 216 7.23 28.99 -1.91
CA GLN A 216 5.97 28.44 -2.14
C GLN A 216 5.53 28.83 -3.52
N ALA A 217 6.36 28.33 -4.44
CA ALA A 217 6.07 28.13 -5.85
C ALA A 217 7.31 27.69 -6.71
N ASN A 218 7.96 26.53 -6.48
CA ASN A 218 7.90 25.57 -5.35
C ASN A 218 8.13 24.11 -5.77
N ASP A 219 9.06 23.39 -5.12
CA ASP A 219 8.96 21.94 -5.11
C ASP A 219 9.35 21.35 -3.76
N LEU A 220 8.81 20.17 -3.46
CA LEU A 220 9.10 19.50 -2.20
C LEU A 220 8.38 20.16 -1.03
N ASP A 221 7.54 19.40 -0.35
CA ASP A 221 6.81 19.90 0.80
C ASP A 221 5.43 20.45 0.45
N TYR A 222 4.92 20.08 -0.73
CA TYR A 222 3.58 20.54 -1.11
C TYR A 222 2.65 19.37 -1.44
N GLY A 223 1.43 19.46 -0.93
CA GLY A 223 0.43 18.43 -1.17
C GLY A 223 0.59 17.25 -0.21
N GLN A 224 1.76 17.21 0.43
CA GLN A 224 2.12 16.15 1.37
C GLN A 224 1.41 16.26 2.70
N CYS A 225 0.52 15.31 2.99
CA CYS A 225 -0.18 15.31 4.27
C CYS A 225 0.25 14.05 5.00
N PRO A 226 1.03 14.21 6.08
CA PRO A 226 1.52 13.10 6.89
C PRO A 226 0.46 12.43 7.76
N ASN A 227 -0.74 12.99 7.79
CA ASN A 227 -1.80 12.43 8.60
C ASN A 227 -2.48 11.27 7.89
N ASN A 228 -1.92 10.85 6.76
CA ASN A 228 -2.44 9.72 5.98
C ASN A 228 -1.55 8.50 6.23
N MET A 229 -0.44 8.73 6.93
CA MET A 229 0.54 7.70 7.26
C MET A 229 -0.19 6.57 8.01
N MET A 230 -0.27 5.38 7.40
CA MET A 230 -0.98 4.24 7.98
C MET A 230 -0.15 3.23 8.74
N GLY A 231 1.16 3.32 8.62
CA GLY A 231 1.99 2.38 9.33
C GLY A 231 2.93 1.65 8.40
N THR A 232 3.75 0.80 8.98
CA THR A 232 4.72 0.04 8.23
C THR A 232 4.64 -1.42 8.63
N PHE A 233 4.94 -2.30 7.69
CA PHE A 233 4.96 -3.74 7.97
C PHE A 233 6.41 -4.16 7.77
N SER A 234 6.96 -4.83 8.77
CA SER A 234 8.34 -5.30 8.68
C SER A 234 8.31 -6.81 8.67
N ILE A 235 8.78 -7.38 7.56
CA ILE A 235 8.82 -8.83 7.40
C ILE A 235 10.24 -9.36 7.61
N ARG A 236 10.34 -10.58 8.12
CA ARG A 236 11.64 -11.22 8.32
C ARG A 236 11.45 -12.67 8.72
N THR A 237 12.48 -13.48 8.50
CA THR A 237 12.41 -14.87 8.89
C THR A 237 12.83 -14.87 10.36
N VAL A 238 12.28 -15.77 11.15
CA VAL A 238 12.66 -15.84 12.56
C VAL A 238 13.95 -16.65 12.64
N GLY A 239 14.59 -16.67 13.79
CA GLY A 239 15.83 -17.40 13.94
C GLY A 239 17.05 -16.48 13.91
N ILE A 240 18.08 -16.87 14.65
CA ILE A 240 19.31 -16.09 14.75
C ILE A 240 20.18 -16.11 13.49
N GLU A 241 20.13 -17.20 12.74
CA GLU A 241 20.88 -17.36 11.49
C GLU A 241 19.97 -17.05 10.32
N LYS A 242 20.54 -16.67 9.18
CA LYS A 242 19.73 -16.35 8.03
C LYS A 242 19.04 -17.59 7.47
N SER A 243 17.88 -17.37 6.84
CA SER A 243 17.11 -18.45 6.26
C SER A 243 17.73 -18.93 4.97
N PRO A 244 17.74 -20.26 4.76
CA PRO A 244 18.29 -20.89 3.56
C PRO A 244 17.42 -20.65 2.33
N HIS A 245 16.15 -20.34 2.57
CA HIS A 245 15.19 -20.14 1.50
C HIS A 245 14.92 -18.71 1.11
N SER A 246 14.61 -18.55 -0.17
CA SER A 246 14.26 -17.24 -0.71
C SER A 246 12.75 -17.17 -0.51
N ILE A 247 12.24 -15.97 -0.25
CA ILE A 247 10.81 -15.83 -0.03
C ILE A 247 10.21 -14.75 -0.92
N THR A 248 9.06 -15.06 -1.51
CA THR A 248 8.35 -14.11 -2.35
C THR A 248 6.99 -14.01 -1.64
N LEU A 249 6.72 -12.82 -1.10
CA LEU A 249 5.49 -12.57 -0.37
C LEU A 249 4.54 -11.58 -1.06
N ARG A 250 3.29 -11.98 -1.25
CA ARG A 250 2.30 -11.13 -1.89
C ARG A 250 1.37 -10.59 -0.82
N VAL A 251 1.25 -9.26 -0.77
CA VAL A 251 0.41 -8.61 0.22
C VAL A 251 -0.92 -8.15 -0.40
N TYR A 252 -2.01 -8.69 0.13
CA TYR A 252 -3.33 -8.35 -0.34
C TYR A 252 -4.01 -7.46 0.69
N MET A 253 -4.79 -6.51 0.20
CA MET A 253 -5.49 -5.60 1.08
C MET A 253 -6.95 -5.45 0.65
N ARG A 254 -7.84 -5.36 1.63
CA ARG A 254 -9.26 -5.19 1.36
C ARG A 254 -9.77 -4.02 2.19
N ILE A 255 -10.49 -3.12 1.56
CA ILE A 255 -11.03 -1.96 2.26
C ILE A 255 -12.41 -2.28 2.86
N LYS A 256 -12.51 -2.15 4.18
CA LYS A 256 -13.75 -2.41 4.91
C LYS A 256 -14.37 -1.10 5.39
N HIS A 257 -15.70 -1.08 5.54
CA HIS A 257 -16.41 0.10 6.04
C HIS A 257 -15.96 1.40 5.38
N VAL A 258 -16.14 1.50 4.09
CA VAL A 258 -15.72 2.70 3.36
C VAL A 258 -16.70 3.85 3.43
N ARG A 259 -16.16 5.06 3.48
CA ARG A 259 -16.96 6.27 3.48
C ARG A 259 -16.20 7.29 2.64
N ALA A 260 -16.90 7.93 1.70
CA ALA A 260 -16.24 8.90 0.83
C ALA A 260 -16.94 10.24 0.78
N TRP A 261 -16.17 11.30 0.54
CA TRP A 261 -16.70 12.66 0.47
C TRP A 261 -16.15 13.48 -0.70
N ILE A 262 -16.94 14.45 -1.13
CA ILE A 262 -16.56 15.38 -2.16
C ILE A 262 -15.96 14.76 -3.41
N PRO A 263 -16.82 14.30 -4.34
CA PRO A 263 -16.41 13.67 -5.59
C PRO A 263 -15.77 14.70 -6.51
N ARG A 264 -14.72 14.27 -7.21
CA ARG A 264 -13.96 15.11 -8.14
C ARG A 264 -13.67 14.42 -9.50
N PRO A 265 -13.31 15.22 -10.53
CA PRO A 265 -13.00 14.70 -11.87
C PRO A 265 -12.07 13.50 -11.87
N LEU A 266 -12.29 12.60 -12.81
CA LEU A 266 -11.47 11.41 -12.92
C LEU A 266 -10.20 11.62 -13.71
N ARG A 267 -9.08 11.25 -13.08
CA ARG A 267 -7.77 11.36 -13.69
C ARG A 267 -7.82 10.95 -15.16
N ASN A 268 -7.39 11.86 -16.04
CA ASN A 268 -7.40 11.57 -17.49
C ASN A 268 -6.00 11.69 -18.11
N GLN A 269 -5.00 11.95 -17.28
CA GLN A 269 -3.60 12.06 -17.71
C GLN A 269 -2.79 10.98 -17.02
N PRO A 270 -1.80 10.42 -17.72
CA PRO A 270 -0.97 9.37 -17.10
C PRO A 270 -0.32 9.90 -15.82
N TYR A 271 -0.16 9.02 -14.85
CA TYR A 271 0.46 9.38 -13.58
C TYR A 271 1.97 9.50 -13.73
N LEU A 272 2.60 10.45 -13.03
CA LEU A 272 4.05 10.57 -13.13
C LEU A 272 4.75 10.25 -11.82
N PHE A 273 4.08 10.53 -10.69
CA PHE A 273 4.65 10.28 -9.37
C PHE A 273 3.58 9.80 -8.39
N LYS A 274 4.02 9.14 -7.31
CA LYS A 274 3.09 8.65 -6.29
C LYS A 274 2.51 9.77 -5.45
N THR A 275 3.36 10.74 -5.13
CA THR A 275 2.99 11.87 -4.27
C THR A 275 2.46 13.17 -4.86
N ASN A 276 2.13 13.20 -6.15
CA ASN A 276 1.62 14.42 -6.75
C ASN A 276 1.02 14.26 -8.13
N PRO A 277 0.05 15.13 -8.48
CA PRO A 277 -0.69 15.17 -9.74
C PRO A 277 0.07 15.63 -10.98
N ASN A 278 1.39 15.84 -10.86
CA ASN A 278 2.15 16.28 -12.02
C ASN A 278 1.84 15.35 -13.18
N TYR A 279 1.71 15.93 -14.37
CA TYR A 279 1.40 15.22 -15.61
C TYR A 279 2.36 15.67 -16.71
N LYS A 280 2.57 14.83 -17.72
CA LYS A 280 3.47 15.21 -18.81
C LYS A 280 2.73 16.31 -19.57
N GLY A 281 3.30 17.51 -19.56
CA GLY A 281 2.69 18.66 -20.21
C GLY A 281 2.91 18.87 -21.69
N ASN A 282 3.75 18.06 -22.31
CA ASN A 282 4.02 18.16 -23.74
C ASN A 282 3.05 17.24 -24.45
N ASP A 283 2.90 16.05 -23.89
CA ASP A 283 2.01 15.03 -24.42
C ASP A 283 0.71 14.98 -23.60
N ILE A 284 -0.14 16.00 -23.76
CA ILE A 284 -1.42 16.04 -23.04
C ILE A 284 -2.46 15.28 -23.85
N LYS A 285 -2.85 14.11 -23.35
CA LYS A 285 -3.81 13.26 -24.03
C LYS A 285 -5.25 13.74 -23.89
N CYS A 286 -6.05 13.56 -24.95
CA CYS A 286 -7.46 13.97 -24.96
C CYS A 286 -8.30 12.95 -24.22
N THR A 287 -9.32 13.42 -23.50
CA THR A 287 -10.17 12.51 -22.74
C THR A 287 -10.87 11.48 -23.63
N SER A 288 -11.13 11.86 -24.88
CA SER A 288 -11.83 10.98 -25.83
C SER A 288 -11.10 10.77 -27.14
N THR A 289 -11.44 9.67 -27.82
CA THR A 289 -10.82 9.36 -29.11
C THR A 289 -11.36 10.33 -30.16
N SER A 290 -10.75 10.34 -31.33
CA SER A 290 -11.17 11.27 -32.37
C SER A 290 -11.82 10.62 -33.58
N ARG A 291 -12.34 11.46 -34.47
CA ARG A 291 -12.97 11.04 -35.70
C ARG A 291 -12.72 12.12 -36.76
N ASP A 292 -13.04 11.82 -38.02
CA ASP A 292 -12.80 12.74 -39.10
C ASP A 292 -13.67 13.98 -39.09
N LYS A 293 -14.95 13.79 -39.37
CA LYS A 293 -15.92 14.89 -39.39
C LYS A 293 -16.80 14.77 -38.15
N ILE A 294 -17.50 15.84 -37.79
CA ILE A 294 -18.38 15.83 -36.63
C ILE A 294 -19.73 15.23 -37.00
N THR A 295 -19.81 14.72 -38.23
CA THR A 295 -21.04 14.11 -38.75
C THR A 295 -20.84 12.64 -39.08
N THR A 296 -19.60 12.21 -39.27
CA THR A 296 -19.35 10.81 -39.57
C THR A 296 -19.44 10.07 -38.25
N LEU A 297 -20.13 8.94 -38.24
CA LEU A 297 -20.29 8.18 -37.01
C LEU A 297 -20.24 6.68 -37.28
#